data_6BDR
#
_entry.id   6BDR
#
_cell.length_a   141.271
_cell.length_b   39.364
_cell.length_c   53.627
_cell.angle_alpha   90.00
_cell.angle_beta   90.00
_cell.angle_gamma   90.00
#
_symmetry.space_group_name_H-M   'P 21 21 2'
#
loop_
_entity.id
_entity.type
_entity.pdbx_description
1 polymer 'Sulfotransferase oxamniquine resistance protein'
2 non-polymer "ADENOSINE-3'-5'-DIPHOSPHATE"
3 non-polymer [4-({(3R)-1-[(1H-indol-3-yl)methyl]pyrrolidin-3-yl}amino)-2-nitrophenyl]methanol
4 water water
#
_entity_poly.entity_id   1
_entity_poly.type   'polypeptide(L)'
_entity_poly.pdbx_seq_one_letter_code
;GAMIESSTTIQVISAGLPRTGTKSLKNALEIIYHKPCYHMFEIIFNKQSDIIKWQNLIHDSHMITTPPPLTTKTIAIYDK
LKELLDGYIATTDLPTCGFYKDLMNIYPNAKVLLTIRDKYDWLHSLRKVVLPKSNDPWKLKIEEGDKVLGLNSDFYKLTE
DSLKFAFQKDDLNFDDDQVLLECYDEYNRLVQETVPSDRLLVLRLGDGWEPLCKFLNVEIPNGIDYP(CAS)VNSHHQMT
QLTEQLIKYKSLDAIIHMFPDLI
;
_entity_poly.pdbx_strand_id   A
#
loop_
_chem_comp.id
_chem_comp.type
_chem_comp.name
_chem_comp.formula
A3P RNA linking ADENOSINE-3'-5'-DIPHOSPHATE 'C10 H15 N5 O10 P2'
DF7 non-polymer [4-({(3R)-1-[(1H-indol-3-yl)methyl]pyrrolidin-3-yl}amino)-2-nitrophenyl]methanol 'C20 H22 N4 O3'
#
# COMPACT_ATOMS: atom_id res chain seq x y z
N GLY A 1 -26.29 -14.16 0.81
CA GLY A 1 -25.80 -14.95 1.96
C GLY A 1 -26.24 -14.33 3.27
N ALA A 2 -25.96 -15.04 4.36
CA ALA A 2 -26.27 -14.53 5.68
C ALA A 2 -25.26 -13.48 6.11
N MET A 3 -25.70 -12.60 7.00
CA MET A 3 -24.81 -11.61 7.59
C MET A 3 -24.20 -12.21 8.85
N ILE A 4 -22.87 -12.13 8.95
CA ILE A 4 -22.15 -12.65 10.10
C ILE A 4 -21.31 -11.53 10.70
N GLU A 5 -20.95 -11.70 11.97
CA GLU A 5 -20.24 -10.65 12.69
C GLU A 5 -18.74 -10.89 12.60
N SER A 6 -18.08 -10.08 11.80
CA SER A 6 -16.68 -10.20 11.47
C SER A 6 -15.82 -9.53 12.53
N SER A 7 -14.67 -10.14 12.84
CA SER A 7 -13.74 -9.58 13.81
C SER A 7 -12.97 -8.39 13.22
N THR A 8 -12.80 -7.33 14.01
CA THR A 8 -12.02 -6.16 13.58
C THR A 8 -10.54 -6.42 13.89
N THR A 9 -9.92 -7.19 13.00
CA THR A 9 -8.49 -7.48 13.05
C THR A 9 -8.05 -7.64 11.60
N ILE A 10 -6.74 -7.66 11.37
CA ILE A 10 -6.26 -7.84 10.01
C ILE A 10 -6.70 -9.20 9.49
N GLN A 11 -7.50 -9.18 8.41
CA GLN A 11 -7.97 -10.39 7.76
C GLN A 11 -7.34 -10.62 6.40
N VAL A 12 -6.77 -9.57 5.81
CA VAL A 12 -6.18 -9.60 4.47
C VAL A 12 -4.90 -8.78 4.50
N ILE A 13 -3.81 -9.38 4.06
CA ILE A 13 -2.52 -8.72 3.89
C ILE A 13 -2.26 -8.65 2.39
N SER A 14 -2.18 -7.45 1.82
CA SER A 14 -1.86 -7.31 0.41
C SER A 14 -0.40 -6.91 0.25
N ALA A 15 0.37 -7.76 -0.41
CA ALA A 15 1.79 -7.53 -0.63
C ALA A 15 2.10 -6.71 -1.87
N GLY A 16 1.08 -6.35 -2.67
CA GLY A 16 1.35 -5.63 -3.90
C GLY A 16 1.99 -4.27 -3.71
N LEU A 17 2.83 -3.90 -4.66
CA LEU A 17 3.54 -2.63 -4.63
C LEU A 17 2.63 -1.48 -5.04
N PRO A 18 3.00 -0.26 -4.71
CA PRO A 18 2.19 0.88 -5.18
C PRO A 18 2.09 0.88 -6.69
N ARG A 19 0.95 1.38 -7.15
CA ARG A 19 0.60 1.51 -8.58
C ARG A 19 0.25 0.16 -9.20
N THR A 20 -0.23 -0.77 -8.38
CA THR A 20 -0.74 -2.06 -8.85
C THR A 20 -2.22 -2.26 -8.53
N GLY A 21 -2.96 -1.18 -8.30
CA GLY A 21 -4.36 -1.31 -7.93
C GLY A 21 -4.63 -1.36 -6.45
N THR A 22 -3.72 -0.83 -5.61
CA THR A 22 -3.87 -0.93 -4.16
C THR A 22 -5.02 -0.09 -3.64
N LYS A 23 -5.26 1.08 -4.22
CA LYS A 23 -6.33 1.92 -3.70
C LYS A 23 -7.69 1.35 -4.06
N SER A 24 -7.82 0.80 -5.26
CA SER A 24 -9.08 0.16 -5.62
C SER A 24 -9.31 -1.04 -4.71
N LEU A 25 -8.25 -1.79 -4.42
CA LEU A 25 -8.36 -2.93 -3.51
C LEU A 25 -8.73 -2.47 -2.11
N LYS A 26 -8.07 -1.42 -1.61
CA LYS A 26 -8.48 -0.81 -0.35
C LYS A 26 -9.98 -0.51 -0.32
N ASN A 27 -10.48 0.18 -1.34
CA ASN A 27 -11.90 0.50 -1.40
C ASN A 27 -12.73 -0.76 -1.42
N ALA A 28 -12.27 -1.78 -2.15
CA ALA A 28 -13.02 -3.03 -2.27
C ALA A 28 -13.11 -3.75 -0.94
N LEU A 29 -12.01 -3.80 -0.20
CA LEU A 29 -12.02 -4.47 1.09
C LEU A 29 -12.91 -3.72 2.09
N GLU A 30 -12.94 -2.39 2.01
CA GLU A 30 -13.82 -1.64 2.90
C GLU A 30 -15.29 -1.82 2.53
N ILE A 31 -15.59 -2.03 1.25
CA ILE A 31 -16.95 -2.38 0.86
C ILE A 31 -17.34 -3.75 1.41
N ILE A 32 -16.42 -4.70 1.41
CA ILE A 32 -16.72 -6.04 1.90
C ILE A 32 -16.88 -6.04 3.42
N TYR A 33 -15.92 -5.42 4.12
CA TYR A 33 -15.77 -5.63 5.56
C TYR A 33 -16.32 -4.49 6.40
N HIS A 34 -16.63 -3.35 5.79
CA HIS A 34 -17.25 -2.21 6.48
C HIS A 34 -16.39 -1.70 7.64
N LYS A 35 -15.08 -1.86 7.51
CA LYS A 35 -14.09 -1.36 8.45
C LYS A 35 -12.90 -0.91 7.64
N PRO A 36 -12.03 -0.07 8.20
CA PRO A 36 -10.99 0.54 7.37
C PRO A 36 -9.85 -0.40 6.99
N CYS A 37 -9.27 -0.09 5.84
CA CYS A 37 -8.10 -0.79 5.31
C CYS A 37 -6.93 0.19 5.27
N TYR A 38 -5.75 -0.26 5.67
CA TYR A 38 -4.58 0.61 5.65
C TYR A 38 -4.09 0.79 4.21
N HIS A 39 -3.45 1.93 3.97
CA HIS A 39 -3.01 2.37 2.65
C HIS A 39 -2.18 3.61 2.88
N MET A 40 -1.32 3.97 1.94
CA MET A 40 -0.60 5.23 2.11
C MET A 40 -1.56 6.41 2.22
N PHE A 41 -2.72 6.33 1.55
CA PHE A 41 -3.67 7.42 1.66
C PHE A 41 -4.23 7.57 3.08
N GLU A 42 -4.26 6.50 3.86
CA GLU A 42 -4.63 6.64 5.28
C GLU A 42 -3.64 7.54 5.99
N ILE A 43 -2.34 7.39 5.71
CA ILE A 43 -1.33 8.25 6.32
C ILE A 43 -1.51 9.67 5.83
N ILE A 44 -1.61 9.86 4.51
CA ILE A 44 -1.65 11.22 3.94
C ILE A 44 -2.85 11.98 4.46
N PHE A 45 -4.03 11.36 4.42
CA PHE A 45 -5.25 12.10 4.66
C PHE A 45 -5.82 11.96 6.07
N ASN A 46 -5.40 10.96 6.85
CA ASN A 46 -6.02 10.71 8.15
C ASN A 46 -5.04 10.61 9.32
N LYS A 47 -3.79 10.22 9.06
CA LYS A 47 -2.89 9.79 10.13
C LYS A 47 -1.44 10.18 9.84
N GLN A 48 -1.18 11.45 9.56
CA GLN A 48 0.21 11.85 9.36
C GLN A 48 1.05 11.66 10.61
N SER A 49 0.41 11.57 11.79
CA SER A 49 1.14 11.27 13.01
C SER A 49 1.79 9.89 12.97
N ASP A 50 1.34 9.00 12.09
CA ASP A 50 1.92 7.68 11.94
C ASP A 50 3.25 7.69 11.18
N ILE A 51 3.61 8.77 10.50
CA ILE A 51 4.82 8.76 9.69
C ILE A 51 6.03 8.40 10.53
N ILE A 52 6.20 9.05 11.68
CA ILE A 52 7.37 8.82 12.51
C ILE A 52 7.36 7.40 13.07
N LYS A 53 6.18 6.87 13.33
CA LYS A 53 6.07 5.51 13.85
C LYS A 53 6.50 4.48 12.81
N TRP A 54 6.08 4.66 11.56
CA TRP A 54 6.56 3.77 10.50
C TRP A 54 8.05 3.91 10.29
N GLN A 55 8.56 5.15 10.32
CA GLN A 55 9.99 5.35 10.18
C GLN A 55 10.77 4.64 11.28
N ASN A 56 10.27 4.71 12.53
CA ASN A 56 10.96 4.03 13.63
C ASN A 56 10.96 2.52 13.42
N LEU A 57 9.84 1.99 12.93
CA LEU A 57 9.71 0.56 12.71
C LEU A 57 10.68 0.09 11.63
N ILE A 58 10.72 0.79 10.50
CA ILE A 58 11.68 0.45 9.47
C ILE A 58 13.09 0.54 10.00
N HIS A 59 13.38 1.60 10.78
CA HIS A 59 14.71 1.77 11.36
C HIS A 59 15.12 0.56 12.18
N ASP A 60 14.19 -0.03 12.92
CA ASP A 60 14.50 -1.16 13.78
C ASP A 60 14.29 -2.51 13.10
N SER A 61 13.78 -2.53 11.88
CA SER A 61 13.37 -3.78 11.27
C SER A 61 14.53 -4.75 11.07
N HIS A 62 15.76 -4.25 10.93
CA HIS A 62 16.88 -5.17 10.71
C HIS A 62 17.05 -6.17 11.84
N MET A 63 16.49 -5.89 13.01
CA MET A 63 16.60 -6.77 14.17
C MET A 63 15.59 -7.91 14.16
N ILE A 64 14.69 -7.96 13.18
CA ILE A 64 13.75 -9.07 13.09
C ILE A 64 14.49 -10.34 12.73
N THR A 65 14.10 -11.43 13.35
CA THR A 65 14.61 -12.74 13.01
C THR A 65 13.39 -13.46 12.52
N THR A 66 13.40 -14.02 11.32
CA THR A 66 12.22 -14.65 10.77
C THR A 66 11.77 -15.82 11.63
N PRO A 67 10.53 -15.86 12.11
CA PRO A 67 10.13 -17.01 12.91
C PRO A 67 9.58 -18.13 12.07
N PRO A 68 9.36 -19.29 12.68
CA PRO A 68 9.62 -19.56 14.10
C PRO A 68 11.07 -19.98 14.36
N PRO A 69 11.50 -19.94 15.63
CA PRO A 69 10.75 -19.42 16.78
C PRO A 69 10.81 -17.89 16.87
N LEU A 70 10.16 -17.34 17.90
CA LEU A 70 10.05 -15.90 18.09
C LEU A 70 11.10 -15.42 19.09
N THR A 71 11.97 -14.53 18.66
CA THR A 71 12.95 -13.91 19.55
C THR A 71 12.33 -12.72 20.29
N THR A 72 13.06 -12.27 21.33
CA THR A 72 12.57 -11.16 22.16
C THR A 72 12.52 -9.85 21.37
N LYS A 73 13.59 -9.54 20.62
CA LYS A 73 13.61 -8.33 19.82
C LYS A 73 12.47 -8.32 18.80
N THR A 74 12.22 -9.47 18.14
CA THR A 74 11.17 -9.53 17.13
C THR A 74 9.82 -9.22 17.75
N ILE A 75 9.55 -9.76 18.93
CA ILE A 75 8.27 -9.51 19.58
C ILE A 75 8.07 -8.02 19.79
N ALA A 76 9.11 -7.31 20.21
CA ALA A 76 9.01 -5.88 20.45
C ALA A 76 8.63 -5.13 19.18
N ILE A 77 9.23 -5.52 18.05
CA ILE A 77 8.93 -4.87 16.78
C ILE A 77 7.53 -5.25 16.32
N TYR A 78 7.20 -6.53 16.41
CA TYR A 78 5.86 -6.98 16.02
C TYR A 78 4.78 -6.25 16.84
N ASP A 79 5.04 -5.98 18.11
CA ASP A 79 4.07 -5.28 18.95
C ASP A 79 3.75 -3.89 18.42
N LYS A 80 4.79 -3.20 17.93
CA LYS A 80 4.59 -1.85 17.41
C LYS A 80 3.81 -1.88 16.10
N LEU A 81 4.07 -2.90 15.28
CA LEU A 81 3.35 -3.04 14.02
C LEU A 81 1.90 -3.38 14.28
N LYS A 82 1.64 -4.26 15.25
CA LYS A 82 0.26 -4.56 15.61
C LYS A 82 -0.46 -3.31 16.11
N GLU A 83 0.23 -2.48 16.90
CA GLU A 83 -0.36 -1.24 17.40
C GLU A 83 -0.75 -0.30 16.25
N LEU A 84 0.13 -0.15 15.27
CA LEU A 84 -0.16 0.74 14.14
C LEU A 84 -1.44 0.33 13.42
N LEU A 85 -1.72 -0.97 13.41
CA LEU A 85 -2.80 -1.50 12.60
C LEU A 85 -4.06 -1.78 13.41
N ASP A 86 -4.09 -1.37 14.67
CA ASP A 86 -5.27 -1.59 15.49
C ASP A 86 -6.48 -0.90 14.86
N GLY A 87 -7.59 -1.62 14.76
CA GLY A 87 -8.79 -1.05 14.21
C GLY A 87 -8.96 -1.24 12.72
N TYR A 88 -7.93 -1.73 12.04
CA TYR A 88 -8.01 -1.99 10.61
C TYR A 88 -8.26 -3.45 10.32
N ILE A 89 -8.87 -3.72 9.16
CA ILE A 89 -9.19 -5.09 8.78
C ILE A 89 -8.32 -5.59 7.64
N ALA A 90 -7.43 -4.76 7.12
CA ALA A 90 -6.55 -5.19 6.04
C ALA A 90 -5.46 -4.16 5.85
N THR A 91 -4.41 -4.58 5.14
CA THR A 91 -3.29 -3.72 4.77
C THR A 91 -3.06 -3.78 3.27
N THR A 92 -2.78 -2.61 2.69
CA THR A 92 -2.32 -2.49 1.32
C THR A 92 -1.23 -1.42 1.28
N ASP A 93 -0.45 -1.45 0.19
CA ASP A 93 0.40 -0.33 -0.21
C ASP A 93 1.64 -0.20 0.66
N LEU A 94 2.56 0.67 0.25
CA LEU A 94 3.57 1.19 1.15
C LEU A 94 2.86 1.95 2.27
N PRO A 95 3.42 1.94 3.48
CA PRO A 95 4.65 1.28 3.89
C PRO A 95 4.48 -0.17 4.34
N THR A 96 3.24 -0.69 4.34
CA THR A 96 3.01 -2.00 4.93
C THR A 96 3.49 -3.16 4.06
N CYS A 97 3.51 -3.00 2.73
CA CYS A 97 3.60 -4.19 1.91
C CYS A 97 4.93 -4.92 2.12
N GLY A 98 6.03 -4.20 2.38
CA GLY A 98 7.30 -4.85 2.63
C GLY A 98 7.32 -5.67 3.91
N PHE A 99 6.36 -5.44 4.78
CA PHE A 99 6.24 -6.21 6.00
C PHE A 99 5.35 -7.45 5.85
N TYR A 100 5.03 -7.88 4.63
CA TYR A 100 4.02 -8.93 4.47
C TYR A 100 4.41 -10.20 5.22
N LYS A 101 5.69 -10.57 5.25
CA LYS A 101 6.09 -11.79 5.94
C LYS A 101 5.86 -11.70 7.44
N ASP A 102 6.23 -10.56 8.01
CA ASP A 102 6.01 -10.33 9.43
C ASP A 102 4.52 -10.26 9.77
N LEU A 103 3.73 -9.62 8.91
CA LEU A 103 2.29 -9.58 9.12
C LEU A 103 1.68 -10.97 9.07
N MET A 104 2.20 -11.84 8.22
CA MET A 104 1.72 -13.22 8.20
C MET A 104 1.94 -13.92 9.54
N ASN A 105 3.01 -13.58 10.26
CA ASN A 105 3.26 -14.20 11.56
C ASN A 105 2.36 -13.61 12.63
N ILE A 106 2.15 -12.29 12.57
CA ILE A 106 1.36 -11.59 13.57
C ILE A 106 -0.10 -11.97 13.45
N TYR A 107 -0.57 -12.18 12.22
CA TYR A 107 -1.97 -12.48 11.93
C TYR A 107 -2.01 -13.80 11.18
N PRO A 108 -1.88 -14.93 11.88
CA PRO A 108 -1.77 -16.21 11.19
C PRO A 108 -3.04 -16.61 10.46
N ASN A 109 -4.17 -16.01 10.78
CA ASN A 109 -5.45 -16.31 10.16
C ASN A 109 -5.81 -15.34 9.06
N ALA A 110 -4.89 -14.45 8.70
CA ALA A 110 -5.12 -13.52 7.60
C ALA A 110 -4.68 -14.16 6.29
N LYS A 111 -5.40 -13.82 5.24
CA LYS A 111 -5.08 -14.29 3.90
C LYS A 111 -4.22 -13.24 3.21
N VAL A 112 -3.45 -13.68 2.21
CA VAL A 112 -2.46 -12.82 1.55
C VAL A 112 -2.83 -12.63 0.09
N LEU A 113 -2.76 -11.38 -0.38
CA LEU A 113 -2.97 -11.00 -1.76
C LEU A 113 -1.69 -10.46 -2.36
N LEU A 114 -1.53 -10.63 -3.67
CA LEU A 114 -0.45 -9.97 -4.40
C LEU A 114 -1.08 -9.39 -5.66
N THR A 115 -1.04 -8.08 -5.79
CA THR A 115 -1.51 -7.43 -7.00
C THR A 115 -0.31 -7.19 -7.92
N ILE A 116 -0.45 -7.56 -9.19
CA ILE A 116 0.63 -7.43 -10.15
C ILE A 116 0.09 -6.82 -11.44
N ARG A 117 1.00 -6.29 -12.24
CA ARG A 117 0.66 -5.79 -13.56
C ARG A 117 1.91 -5.78 -14.43
N ASP A 118 1.71 -5.44 -15.71
CA ASP A 118 2.81 -5.23 -16.65
C ASP A 118 3.86 -4.29 -16.06
N LYS A 119 5.14 -4.71 -16.08
CA LYS A 119 6.18 -3.97 -15.37
C LYS A 119 6.40 -2.58 -15.96
N TYR A 120 6.26 -2.43 -17.27
CA TYR A 120 6.49 -1.12 -17.87
C TYR A 120 5.32 -0.19 -17.59
N ASP A 121 4.09 -0.71 -17.60
CA ASP A 121 2.96 0.11 -17.17
C ASP A 121 3.15 0.53 -15.73
N TRP A 122 3.65 -0.39 -14.89
CA TRP A 122 3.89 -0.07 -13.49
C TRP A 122 4.89 1.07 -13.37
N LEU A 123 6.04 0.93 -14.04
CA LEU A 123 7.08 1.95 -13.95
C LEU A 123 6.57 3.30 -14.41
N HIS A 124 5.86 3.32 -15.54
CA HIS A 124 5.31 4.56 -16.05
C HIS A 124 4.42 5.23 -15.02
N SER A 125 3.53 4.44 -14.39
CA SER A 125 2.62 4.96 -13.38
C SER A 125 3.40 5.47 -12.17
N LEU A 126 4.39 4.70 -11.74
CA LEU A 126 5.23 5.10 -10.62
C LEU A 126 5.91 6.44 -10.88
N ARG A 127 6.47 6.60 -12.08
CA ARG A 127 7.18 7.84 -12.40
C ARG A 127 6.26 9.04 -12.47
N LYS A 128 4.97 8.83 -12.80
CA LYS A 128 4.04 9.93 -12.87
C LYS A 128 3.52 10.35 -11.51
N VAL A 129 3.59 9.48 -10.49
CA VAL A 129 2.88 9.75 -9.25
C VAL A 129 3.79 9.70 -8.02
N VAL A 130 4.46 8.58 -7.85
CA VAL A 130 5.24 8.32 -6.65
C VAL A 130 6.72 8.63 -6.67
N LEU A 131 7.37 8.27 -7.77
CA LEU A 131 8.81 8.43 -7.86
C LEU A 131 9.26 9.04 -9.17
N PRO A 132 8.99 10.31 -9.38
CA PRO A 132 9.42 10.96 -10.62
C PRO A 132 10.93 11.10 -10.64
N LYS A 133 11.52 11.06 -11.83
CA LYS A 133 12.96 11.24 -11.93
C LYS A 133 13.35 12.61 -11.42
N SER A 134 14.59 12.72 -10.93
CA SER A 134 15.09 13.95 -10.32
C SER A 134 14.95 15.15 -11.24
N ASN A 135 15.16 14.95 -12.52
CA ASN A 135 15.21 16.05 -13.47
C ASN A 135 13.91 16.22 -14.23
N ASP A 136 12.87 15.49 -13.85
CA ASP A 136 11.56 15.64 -14.47
C ASP A 136 10.93 16.93 -13.96
N PRO A 137 10.62 17.90 -14.83
CA PRO A 137 9.93 19.10 -14.35
C PRO A 137 8.66 18.80 -13.58
N TRP A 138 8.00 17.68 -13.87
CA TRP A 138 6.76 17.36 -13.16
C TRP A 138 7.01 17.10 -11.69
N LYS A 139 8.23 16.71 -11.32
CA LYS A 139 8.56 16.51 -9.91
C LYS A 139 8.31 17.78 -9.09
N LEU A 140 8.61 18.95 -9.64
CA LEU A 140 8.38 20.19 -8.92
C LEU A 140 6.89 20.47 -8.70
N LYS A 141 6.05 20.06 -9.65
CA LYS A 141 4.62 20.24 -9.47
C LYS A 141 4.10 19.29 -8.39
N ILE A 142 4.55 18.04 -8.41
CA ILE A 142 4.13 17.13 -7.35
C ILE A 142 4.54 17.67 -5.99
N GLU A 143 5.76 18.19 -5.88
CA GLU A 143 6.22 18.70 -4.59
C GLU A 143 5.41 19.90 -4.14
N GLU A 144 4.97 20.74 -5.07
CA GLU A 144 4.11 21.86 -4.71
C GLU A 144 2.77 21.36 -4.17
N GLY A 145 2.19 20.34 -4.81
CA GLY A 145 0.95 19.80 -4.30
C GLY A 145 1.14 19.07 -3.00
N ASP A 146 2.28 18.40 -2.84
CA ASP A 146 2.58 17.75 -1.56
C ASP A 146 2.55 18.74 -0.41
N LYS A 147 3.12 19.93 -0.63
CA LYS A 147 3.16 20.93 0.44
C LYS A 147 1.77 21.36 0.84
N VAL A 148 0.86 21.45 -0.13
CA VAL A 148 -0.52 21.82 0.20
C VAL A 148 -1.12 20.81 1.16
N LEU A 149 -0.76 19.54 1.01
CA LEU A 149 -1.26 18.46 1.85
C LEU A 149 -0.52 18.32 3.17
N GLY A 150 0.46 19.15 3.45
CA GLY A 150 1.17 19.04 4.70
C GLY A 150 2.28 18.03 4.68
N LEU A 151 2.69 17.56 3.50
CA LEU A 151 3.69 16.51 3.37
C LEU A 151 5.07 17.14 3.17
N ASN A 152 5.99 16.86 4.09
CA ASN A 152 7.32 17.45 3.98
C ASN A 152 8.38 16.36 3.93
N SER A 153 9.63 16.72 4.27
CA SER A 153 10.75 15.82 4.02
C SER A 153 10.61 14.48 4.75
N ASP A 154 9.95 14.47 5.91
CA ASP A 154 9.78 13.20 6.62
C ASP A 154 8.91 12.23 5.83
N PHE A 155 7.92 12.74 5.13
CA PHE A 155 7.10 11.87 4.29
C PHE A 155 7.92 11.32 3.14
N TYR A 156 8.74 12.16 2.51
CA TYR A 156 9.59 11.71 1.41
C TYR A 156 10.55 10.64 1.88
N LYS A 157 11.10 10.82 3.08
CA LYS A 157 11.99 9.81 3.64
C LYS A 157 11.25 8.49 3.84
N LEU A 158 10.01 8.55 4.32
CA LEU A 158 9.25 7.32 4.55
C LEU A 158 9.00 6.59 3.24
N THR A 159 8.63 7.34 2.19
CA THR A 159 8.40 6.75 0.88
C THR A 159 9.65 6.03 0.40
N GLU A 160 10.78 6.70 0.44
CA GLU A 160 12.02 6.09 -0.02
C GLU A 160 12.41 4.91 0.85
N ASP A 161 12.36 5.08 2.17
CA ASP A 161 12.85 4.02 3.04
C ASP A 161 11.93 2.81 3.02
N SER A 162 10.63 3.02 2.84
CA SER A 162 9.75 1.86 2.80
C SER A 162 9.86 1.14 1.48
N LEU A 163 10.20 1.85 0.39
CA LEU A 163 10.47 1.15 -0.86
C LEU A 163 11.77 0.36 -0.76
N LYS A 164 12.81 0.97 -0.17
CA LYS A 164 14.05 0.23 0.03
C LYS A 164 13.84 -0.99 0.91
N PHE A 165 13.00 -0.87 1.94
CA PHE A 165 12.75 -2.00 2.81
C PHE A 165 12.04 -3.12 2.03
N ALA A 166 11.04 -2.77 1.23
CA ALA A 166 10.33 -3.76 0.42
C ALA A 166 11.28 -4.50 -0.51
N PHE A 167 12.19 -3.76 -1.14
CA PHE A 167 13.15 -4.32 -2.08
C PHE A 167 14.40 -4.88 -1.41
N GLN A 168 14.52 -4.78 -0.09
CA GLN A 168 15.69 -5.30 0.66
C GLN A 168 17.00 -4.72 0.13
N LYS A 169 17.01 -3.41 -0.10
CA LYS A 169 18.17 -2.70 -0.59
C LYS A 169 18.65 -1.71 0.47
N ASP A 170 19.97 -1.67 0.68
CA ASP A 170 20.55 -0.69 1.59
C ASP A 170 20.55 0.69 0.98
N ASP A 171 20.69 0.78 -0.34
CA ASP A 171 20.43 2.02 -1.03
C ASP A 171 19.99 1.67 -2.45
N LEU A 172 19.52 2.68 -3.16
CA LEU A 172 18.77 2.44 -4.37
C LEU A 172 18.93 3.67 -5.25
N ASN A 173 19.31 3.47 -6.50
CA ASN A 173 19.38 4.59 -7.44
C ASN A 173 17.97 4.82 -7.97
N PHE A 174 17.24 5.72 -7.32
CA PHE A 174 15.84 5.92 -7.66
C PHE A 174 15.64 6.41 -9.09
N ASP A 175 16.67 7.00 -9.69
CA ASP A 175 16.56 7.51 -11.04
C ASP A 175 16.85 6.47 -12.11
N ASP A 176 17.14 5.22 -11.72
CA ASP A 176 17.54 4.16 -12.67
C ASP A 176 16.36 3.24 -12.93
N ASP A 177 15.74 3.40 -14.11
CA ASP A 177 14.60 2.56 -14.48
C ASP A 177 14.94 1.07 -14.44
N GLN A 178 16.10 0.68 -14.97
CA GLN A 178 16.41 -0.75 -15.00
C GLN A 178 16.46 -1.33 -13.60
N VAL A 179 17.00 -0.57 -12.64
CA VAL A 179 17.07 -1.05 -11.26
C VAL A 179 15.67 -1.26 -10.70
N LEU A 180 14.78 -0.30 -10.93
CA LEU A 180 13.43 -0.41 -10.41
C LEU A 180 12.69 -1.59 -11.04
N LEU A 181 12.80 -1.73 -12.35
CA LEU A 181 12.15 -2.87 -13.01
C LEU A 181 12.66 -4.20 -12.46
N GLU A 182 13.96 -4.31 -12.20
CA GLU A 182 14.49 -5.57 -11.70
C GLU A 182 14.02 -5.82 -10.28
N CYS A 183 13.95 -4.77 -9.45
CA CYS A 183 13.45 -4.92 -8.09
C CYS A 183 11.99 -5.33 -8.09
N TYR A 184 11.20 -4.75 -8.99
CA TYR A 184 9.80 -5.11 -9.13
C TYR A 184 9.63 -6.59 -9.44
N ASP A 185 10.34 -7.09 -10.46
CA ASP A 185 10.18 -8.49 -10.82
C ASP A 185 10.65 -9.38 -9.69
N GLU A 186 11.75 -9.03 -9.05
CA GLU A 186 12.29 -9.86 -7.97
C GLU A 186 11.35 -9.87 -6.77
N TYR A 187 10.78 -8.71 -6.44
CA TYR A 187 9.85 -8.61 -5.33
C TYR A 187 8.64 -9.53 -5.54
N ASN A 188 8.02 -9.44 -6.73
CA ASN A 188 6.82 -10.23 -7.00
C ASN A 188 7.16 -11.71 -7.03
N ARG A 189 8.31 -12.06 -7.58
CA ARG A 189 8.76 -13.46 -7.56
C ARG A 189 8.93 -13.95 -6.12
N LEU A 190 9.60 -13.15 -5.28
CA LEU A 190 9.86 -13.57 -3.91
C LEU A 190 8.56 -13.78 -3.13
N VAL A 191 7.56 -12.92 -3.34
CA VAL A 191 6.29 -13.09 -2.63
C VAL A 191 5.73 -14.47 -2.94
N GLN A 192 5.72 -14.83 -4.23
CA GLN A 192 5.14 -16.09 -4.64
C GLN A 192 5.96 -17.27 -4.15
N GLU A 193 7.27 -17.10 -3.93
CA GLU A 193 8.05 -18.21 -3.41
C GLU A 193 7.98 -18.32 -1.90
N THR A 194 7.56 -17.26 -1.22
CA THR A 194 7.54 -17.21 0.24
C THR A 194 6.18 -17.61 0.80
N VAL A 195 5.09 -17.15 0.20
CA VAL A 195 3.77 -17.38 0.78
C VAL A 195 3.25 -18.73 0.30
N PRO A 196 2.86 -19.65 1.19
CA PRO A 196 2.24 -20.89 0.73
C PRO A 196 1.06 -20.58 -0.19
N SER A 197 1.00 -21.28 -1.32
CA SER A 197 0.03 -20.93 -2.35
C SER A 197 -1.41 -21.05 -1.86
N ASP A 198 -1.66 -21.92 -0.88
CA ASP A 198 -3.01 -21.99 -0.33
C ASP A 198 -3.37 -20.74 0.45
N ARG A 199 -2.38 -19.91 0.79
CA ARG A 199 -2.63 -18.67 1.51
C ARG A 199 -2.50 -17.45 0.61
N LEU A 200 -2.18 -17.63 -0.67
CA LEU A 200 -1.92 -16.51 -1.58
C LEU A 200 -2.92 -16.49 -2.73
N LEU A 201 -3.39 -15.30 -3.06
CA LEU A 201 -4.16 -15.04 -4.26
C LEU A 201 -3.45 -13.96 -5.06
N VAL A 202 -3.04 -14.29 -6.29
CA VAL A 202 -2.44 -13.30 -7.18
C VAL A 202 -3.57 -12.67 -8.00
N LEU A 203 -3.65 -11.34 -7.93
CA LEU A 203 -4.66 -10.57 -8.64
C LEU A 203 -3.97 -9.73 -9.69
N ARG A 204 -4.49 -9.75 -10.90
CA ARG A 204 -4.05 -8.83 -11.95
C ARG A 204 -5.08 -7.72 -12.09
N LEU A 205 -4.63 -6.54 -12.50
CA LEU A 205 -5.57 -5.45 -12.71
C LEU A 205 -6.65 -5.89 -13.67
N GLY A 206 -7.90 -5.62 -13.32
CA GLY A 206 -9.04 -6.02 -14.12
C GLY A 206 -9.72 -7.30 -13.65
N ASP A 207 -9.14 -8.01 -12.67
CA ASP A 207 -9.73 -9.27 -12.21
C ASP A 207 -11.10 -9.07 -11.56
N GLY A 208 -11.31 -7.94 -10.89
CA GLY A 208 -12.63 -7.64 -10.34
C GLY A 208 -12.95 -8.41 -9.07
N TRP A 209 -14.25 -8.48 -8.77
CA TRP A 209 -14.73 -9.03 -7.50
C TRP A 209 -14.52 -10.55 -7.39
N GLU A 210 -14.75 -11.30 -8.47
CA GLU A 210 -15.09 -12.71 -8.28
C GLU A 210 -13.97 -13.51 -7.62
N PRO A 211 -12.72 -13.47 -8.11
CA PRO A 211 -11.68 -14.28 -7.45
C PRO A 211 -11.41 -13.84 -6.02
N LEU A 212 -11.48 -12.53 -5.78
CA LEU A 212 -11.26 -11.99 -4.44
C LEU A 212 -12.31 -12.49 -3.47
N CYS A 213 -13.59 -12.35 -3.83
CA CYS A 213 -14.67 -12.75 -2.93
C CYS A 213 -14.70 -14.26 -2.72
N LYS A 214 -14.33 -15.06 -3.73
CA LYS A 214 -14.27 -16.50 -3.51
C LYS A 214 -13.18 -16.86 -2.49
N PHE A 215 -12.01 -16.22 -2.62
CA PHE A 215 -10.89 -16.43 -1.73
C PHE A 215 -11.21 -16.06 -0.29
N LEU A 216 -12.06 -15.04 -0.10
CA LEU A 216 -12.42 -14.54 1.23
C LEU A 216 -13.73 -15.13 1.76
N ASN A 217 -14.38 -16.01 0.99
CA ASN A 217 -15.66 -16.62 1.39
C ASN A 217 -16.75 -15.60 1.66
N VAL A 218 -16.80 -14.54 0.83
CA VAL A 218 -17.85 -13.54 0.96
C VAL A 218 -18.63 -13.45 -0.34
N GLU A 219 -19.86 -12.93 -0.24
CA GLU A 219 -20.64 -12.67 -1.42
C GLU A 219 -20.11 -11.47 -2.19
N ILE A 220 -20.33 -11.49 -3.49
CA ILE A 220 -19.99 -10.31 -4.30
C ILE A 220 -20.95 -9.18 -3.93
N PRO A 221 -20.45 -8.01 -3.58
CA PRO A 221 -21.35 -6.91 -3.19
C PRO A 221 -22.37 -6.61 -4.26
N ASN A 222 -23.63 -6.54 -3.86
CA ASN A 222 -24.72 -6.44 -4.80
C ASN A 222 -24.76 -5.06 -5.46
N GLY A 223 -24.73 -5.04 -6.79
CA GLY A 223 -24.92 -3.80 -7.53
C GLY A 223 -23.83 -2.77 -7.37
N ILE A 224 -22.66 -3.17 -6.86
CA ILE A 224 -21.50 -2.29 -6.73
C ILE A 224 -20.41 -2.82 -7.65
N ASP A 225 -19.96 -1.96 -8.57
CA ASP A 225 -18.87 -2.34 -9.46
C ASP A 225 -17.55 -2.36 -8.71
N TYR A 226 -16.63 -3.18 -9.19
CA TYR A 226 -15.32 -3.24 -8.56
C TYR A 226 -14.63 -1.89 -8.74
N PRO A 227 -14.04 -1.34 -7.70
CA PRO A 227 -13.47 -0.01 -7.85
C PRO A 227 -12.40 0.15 -8.93
N CAS A 228 -12.35 1.34 -9.50
CA CAS A 228 -11.40 1.73 -10.50
CB CAS A 228 -11.93 1.61 -11.94
C CAS A 228 -11.04 3.15 -10.19
O CAS A 228 -11.71 4.04 -10.61
SG CAS A 228 -10.62 1.87 -13.09
AS CAS A 228 -10.53 4.14 -13.68
CE1 CAS A 228 -9.64 5.50 -12.59
CE2 CAS A 228 -9.29 4.15 -15.23
N VAL A 229 -10.04 3.37 -9.36
CA VAL A 229 -9.64 4.69 -8.96
C VAL A 229 -8.13 4.86 -8.92
N ASN A 230 -7.66 6.10 -8.83
CA ASN A 230 -6.24 6.37 -8.63
C ASN A 230 -5.40 6.17 -9.88
N SER A 231 -5.97 6.44 -11.06
CA SER A 231 -5.16 6.45 -12.28
C SER A 231 -4.17 7.61 -12.21
N HIS A 232 -3.05 7.48 -12.93
CA HIS A 232 -2.12 8.59 -12.87
C HIS A 232 -2.72 9.86 -13.48
N HIS A 233 -3.60 9.71 -14.46
CA HIS A 233 -4.28 10.89 -14.99
C HIS A 233 -5.08 11.59 -13.92
N GLN A 234 -5.76 10.83 -13.06
CA GLN A 234 -6.53 11.45 -12.00
C GLN A 234 -5.63 12.08 -10.95
N MET A 235 -4.50 11.45 -10.64
CA MET A 235 -3.56 12.02 -9.68
C MET A 235 -2.96 13.31 -10.23
N THR A 236 -2.69 13.35 -11.52
CA THR A 236 -2.18 14.57 -12.14
C THR A 236 -3.17 15.70 -11.98
N GLN A 237 -4.45 15.42 -12.22
CA GLN A 237 -5.48 16.45 -12.01
C GLN A 237 -5.53 16.89 -10.56
N LEU A 238 -5.41 15.94 -9.61
CA LEU A 238 -5.43 16.31 -8.20
C LEU A 238 -4.26 17.23 -7.86
N THR A 239 -3.06 16.88 -8.31
CA THR A 239 -1.91 17.76 -8.09
C THR A 239 -2.18 19.16 -8.65
N GLU A 240 -2.66 19.24 -9.89
CA GLU A 240 -2.89 20.55 -10.50
C GLU A 240 -3.96 21.35 -9.75
N GLN A 241 -5.03 20.68 -9.28
CA GLN A 241 -6.06 21.39 -8.53
C GLN A 241 -5.56 21.81 -7.14
N LEU A 242 -4.70 21.01 -6.51
CA LEU A 242 -4.12 21.43 -5.24
C LEU A 242 -3.28 22.69 -5.43
N ILE A 243 -2.50 22.73 -6.51
CA ILE A 243 -1.71 23.92 -6.82
C ILE A 243 -2.61 25.11 -7.09
N LYS A 244 -3.70 24.90 -7.83
CA LYS A 244 -4.58 26.01 -8.22
C LYS A 244 -5.27 26.63 -7.01
N TYR A 245 -5.83 25.80 -6.13
CA TYR A 245 -6.66 26.29 -5.04
C TYR A 245 -5.94 26.40 -3.70
N LYS A 246 -4.83 25.70 -3.54
CA LYS A 246 -3.94 25.78 -2.38
C LYS A 246 -4.59 25.23 -1.11
N SER A 247 -5.60 24.38 -1.24
CA SER A 247 -6.10 23.64 -0.11
C SER A 247 -6.74 22.37 -0.63
N LEU A 248 -6.78 21.36 0.24
CA LEU A 248 -7.52 20.15 -0.06
C LEU A 248 -9.02 20.38 0.05
N ASP A 249 -9.45 21.09 1.10
CA ASP A 249 -10.87 21.20 1.37
C ASP A 249 -11.60 22.01 0.31
N ALA A 250 -10.88 22.85 -0.45
CA ALA A 250 -11.51 23.57 -1.54
C ALA A 250 -11.91 22.66 -2.69
N ILE A 251 -11.26 21.51 -2.84
CA ILE A 251 -11.45 20.66 -4.01
C ILE A 251 -11.87 19.24 -3.68
N ILE A 252 -11.97 18.89 -2.39
CA ILE A 252 -12.10 17.47 -2.09
C ILE A 252 -13.39 16.90 -2.66
N HIS A 253 -14.43 17.72 -2.77
CA HIS A 253 -15.71 17.25 -3.29
C HIS A 253 -15.60 16.87 -4.77
N MET A 254 -14.55 17.30 -5.45
CA MET A 254 -14.31 16.98 -6.85
C MET A 254 -13.66 15.63 -7.05
N PHE A 255 -13.27 14.96 -5.98
CA PHE A 255 -12.53 13.71 -6.05
C PHE A 255 -13.19 12.67 -5.15
N PRO A 256 -14.41 12.28 -5.45
CA PRO A 256 -15.05 11.22 -4.68
C PRO A 256 -14.35 9.88 -4.89
N ASP A 257 -14.37 9.05 -3.84
CA ASP A 257 -13.89 7.66 -3.91
C ASP A 257 -12.38 7.56 -4.00
N LEU A 258 -11.75 8.58 -4.55
CA LEU A 258 -10.30 8.66 -4.46
C LEU A 258 -9.86 9.15 -3.08
N ILE A 259 -10.59 10.12 -2.53
CA ILE A 259 -10.25 10.73 -1.23
C ILE A 259 -11.40 10.57 -0.24
P1 A3P B . -2.35 3.89 -14.00
O1P A3P B . -1.51 3.17 -15.04
O2P A3P B . -1.61 4.95 -13.21
O3P A3P B . -3.65 4.44 -14.53
P2 A3P B . -2.45 2.22 -6.86
O4P A3P B . -1.77 1.00 -6.29
O5P A3P B . -3.82 2.48 -6.34
O6P A3P B . -1.55 3.44 -6.84
O5' A3P B . -2.69 1.77 -8.40
C5' A3P B . -3.24 2.68 -9.34
C4' A3P B . -3.13 2.06 -10.73
O4' A3P B . -4.00 0.92 -10.86
C3' A3P B . -3.56 3.02 -11.82
O3' A3P B . -2.80 2.73 -12.99
C2' A3P B . -5.01 2.63 -12.03
O2' A3P B . -5.52 3.15 -13.28
C1' A3P B . -4.90 1.14 -11.97
N9 A3P B . -6.23 0.55 -11.63
C8 A3P B . -6.83 0.71 -10.44
N7 A3P B . -8.00 0.03 -10.39
C5 A3P B . -8.17 -0.56 -11.60
C6 A3P B . -9.19 -1.41 -12.22
N6 A3P B . -10.32 -1.74 -11.54
N1 A3P B . -8.97 -1.84 -13.50
C2 A3P B . -7.85 -1.49 -14.17
N3 A3P B . -6.88 -0.71 -13.65
C4 A3P B . -6.99 -0.23 -12.40
C1 DF7 C . 0.82 7.28 -2.94
C2 DF7 C . 1.79 6.35 -2.66
C3 DF7 C . 3.10 6.73 -2.40
C4 DF7 C . 3.44 8.09 -2.42
C5 DF7 C . 2.44 9.01 -2.72
C6 DF7 C . 1.15 8.62 -2.97
C21 DF7 C . 9.34 11.00 -3.50
C14 DF7 C . 3.48 12.19 -3.89
O9 DF7 C . -0.09 4.93 -2.57
O10 DF7 C . 5.05 6.18 -1.38
O11 DF7 C . 4.11 4.62 -2.51
C19 DF7 C . 11.54 11.95 -3.01
C20 DF7 C . 10.64 10.88 -2.98
C16 DF7 C . 8.98 12.23 -4.03
C17 DF7 C . 5.15 10.65 -3.21
C18 DF7 C . 11.21 13.19 -3.54
C15 DF7 C . 4.80 12.91 -3.80
C12 DF7 C . 9.93 13.34 -4.05
C10 DF7 C . 7.96 14.10 -5.02
C7 DF7 C . 1.33 4.91 -2.65
C8 DF7 C . 6.50 11.95 -4.83
C9 DF7 C . 7.74 12.76 -4.66
C13 DF7 C . 3.77 11.16 -2.82
N11 DF7 C . 9.36 14.51 -4.65
N12 DF7 C . 2.59 10.33 -2.79
N16 DF7 C . 5.83 11.93 -3.54
N8 DF7 C . 4.11 5.80 -2.10
C1 DF7 D . 2.81 -17.98 16.08
C2 DF7 D . 3.74 -16.95 15.82
C3 DF7 D . 3.29 -15.64 15.97
C4 DF7 D . 1.99 -15.37 16.36
C5 DF7 D . 1.08 -16.39 16.61
C6 DF7 D . 1.50 -17.70 16.46
O9 DF7 D . 5.31 -18.17 14.30
O10 DF7 D . 5.02 -14.44 14.97
O11 DF7 D . 3.78 -13.46 16.40
C7 DF7 D . 5.17 -17.28 15.41
C13 DF7 D . -0.36 -14.83 17.80
N12 DF7 D . -0.17 -16.02 16.98
N8 DF7 D . 4.07 -14.48 15.77
#